data_5FEX
#
_entry.id   5FEX
#
_cell.length_a   51.120
_cell.length_b   79.460
_cell.length_c   86.570
_cell.angle_alpha   90.00
_cell.angle_beta   90.00
_cell.angle_gamma   90.00
#
_symmetry.space_group_name_H-M   'P 21 21 21'
#
loop_
_entity.id
_entity.type
_entity.pdbx_description
1 polymer '[FeFe] hydrogenase maturase subunit HydE'
2 non-polymer 'IRON/SULFUR CLUSTER'
3 non-polymer 3-[(3-CHOLAMIDOPROPYL)DIMETHYLAMMONIO]-1-PROPANESULFONATE
4 non-polymer 'CHLORIDE ION'
5 non-polymer "5'-DEOXYADENOSINE"
6 non-polymer METHIONINE
7 non-polymer SELENOCYSTEINE
8 water water
#
_entity_poly.entity_id   1
_entity_poly.type   'polypeptide(L)'
_entity_poly.pdbx_seq_one_letter_code
;MWSHPQFEKASTGREILEKLERREFTREVLKEALSINDRGFNEALFKLADEIRRKYVGDEVHIRAIIEFSNVCRKNCLYC
GLRRDNKNLKRYRMTPEEIVERARLAVQFGAKTIVLQSGEDPY(OTY)MPDVISDIVKEIKKMGVAVTLSLGEWPREYYE
KWKEAGADRYLLRHETANPVLHRKLRPDTSFENRLNCLLTLKELGYETGAGSMVGLPGQTIDDLVDDLLFLKEHDFDMVG
IGPFIPHPDTPLANEKKGDFTLTLKMVALTRILLPDSNIPATTAMGTIVPGGREITLRCGANVIMPNWTPSPYRQLYQLY
PGKISVFEKDTASIPSVMKMIELLGRKPGRDWGGRKRVFETV
;
_entity_poly.pdbx_strand_id   A
#
loop_
_chem_comp.id
_chem_comp.type
_chem_comp.name
_chem_comp.formula
5AD non-polymer 5'-DEOXYADENOSINE 'C10 H13 N5 O3'
CL non-polymer 'CHLORIDE ION' 'Cl -1'
CPS non-polymer 3-[(3-CHOLAMIDOPROPYL)DIMETHYLAMMONIO]-1-PROPANESULFONATE 'C32 H58 N2 O7 S'
SF4 non-polymer 'IRON/SULFUR CLUSTER' 'Fe4 S4'
#
# COMPACT_ATOMS: atom_id res chain seq x y z
N THR A 12 10.41 14.97 -26.88
CA THR A 12 11.64 14.53 -26.35
C THR A 12 11.43 14.46 -24.78
N GLY A 13 12.42 13.96 -24.11
CA GLY A 13 12.24 13.81 -22.64
C GLY A 13 12.17 15.16 -22.00
N ARG A 14 12.94 16.17 -22.52
CA ARG A 14 12.92 17.45 -21.91
C ARG A 14 11.50 18.07 -21.99
N GLU A 15 10.88 17.90 -23.16
CA GLU A 15 9.56 18.45 -23.34
C GLU A 15 8.49 17.76 -22.46
N ILE A 16 8.60 16.47 -22.23
CA ILE A 16 7.69 15.73 -21.29
C ILE A 16 7.84 16.25 -19.83
N LEU A 17 9.13 16.47 -19.46
CA LEU A 17 9.41 16.99 -18.11
C LEU A 17 8.82 18.34 -17.90
N GLU A 18 8.94 19.18 -18.97
CA GLU A 18 8.39 20.51 -18.91
C GLU A 18 6.89 20.53 -18.77
N LYS A 19 6.25 19.64 -19.48
CA LYS A 19 4.82 19.49 -19.36
C LYS A 19 4.40 18.95 -18.01
N LEU A 20 5.16 17.96 -17.49
CA LEU A 20 4.91 17.54 -16.08
C LEU A 20 5.09 18.68 -15.12
N GLU A 21 6.15 19.47 -15.32
CA GLU A 21 6.39 20.63 -14.43
C GLU A 21 5.32 21.65 -14.50
N ARG A 22 4.69 21.87 -15.63
CA ARG A 22 3.57 22.86 -15.69
C ARG A 22 2.24 22.21 -15.48
N ARG A 23 2.20 20.95 -15.03
CA ARG A 23 0.94 20.28 -14.76
C ARG A 23 0.00 20.02 -15.95
N GLU A 24 0.53 19.64 -17.11
CA GLU A 24 -0.24 19.27 -18.27
C GLU A 24 -0.33 17.75 -18.34
N PHE A 25 -1.26 17.25 -17.53
CA PHE A 25 -1.36 15.83 -17.28
C PHE A 25 -2.29 15.12 -18.24
N THR A 26 -1.93 15.13 -19.48
CA THR A 26 -2.73 14.44 -20.44
C THR A 26 -2.34 13.01 -20.52
N ARG A 27 -3.24 12.21 -21.07
CA ARG A 27 -2.95 10.87 -21.37
C ARG A 27 -1.67 10.69 -22.22
N GLU A 28 -1.41 11.48 -23.27
CA GLU A 28 -0.28 11.29 -24.12
C GLU A 28 1.04 11.62 -23.34
N VAL A 29 0.99 12.63 -22.47
CA VAL A 29 2.17 12.98 -21.65
C VAL A 29 2.58 11.85 -20.68
N LEU A 30 1.56 11.24 -20.04
CA LEU A 30 1.81 10.09 -19.14
C LEU A 30 2.27 8.85 -19.87
N LYS A 31 1.66 8.59 -21.07
CA LYS A 31 2.10 7.42 -21.84
C LYS A 31 3.59 7.55 -22.24
N GLU A 32 3.86 8.76 -22.73
CA GLU A 32 5.25 9.03 -23.22
C GLU A 32 6.28 8.92 -22.04
N ALA A 33 5.93 9.46 -20.83
CA ALA A 33 6.78 9.30 -19.65
C ALA A 33 7.06 7.82 -19.30
N LEU A 34 6.01 6.98 -19.41
CA LEU A 34 6.15 5.56 -19.12
C LEU A 34 6.81 4.77 -20.23
N SER A 35 6.79 5.31 -21.45
CA SER A 35 7.39 4.61 -22.59
C SER A 35 8.89 4.91 -22.85
N ILE A 36 9.37 6.06 -22.47
CA ILE A 36 10.76 6.48 -22.64
C ILE A 36 11.63 5.74 -21.67
N ASN A 37 12.67 5.10 -22.19
CA ASN A 37 13.53 4.33 -21.37
C ASN A 37 14.92 4.93 -21.13
N ASP A 38 15.13 6.09 -21.59
CA ASP A 38 16.38 6.79 -21.46
C ASP A 38 16.78 7.06 -19.99
N ARG A 39 17.99 6.75 -19.62
CA ARG A 39 18.50 6.90 -18.27
C ARG A 39 18.41 8.35 -17.80
N GLY A 40 18.86 9.28 -18.60
CA GLY A 40 18.78 10.67 -18.30
C GLY A 40 17.37 11.13 -17.98
N PHE A 41 16.43 10.76 -18.81
CA PHE A 41 15.05 11.11 -18.60
C PHE A 41 14.55 10.50 -17.26
N ASN A 42 14.76 9.21 -17.08
CA ASN A 42 14.30 8.60 -15.86
C ASN A 42 14.83 9.27 -14.65
N GLU A 43 16.10 9.62 -14.62
CA GLU A 43 16.72 10.24 -13.44
C GLU A 43 16.15 11.60 -13.19
N ALA A 44 15.85 12.36 -14.24
CA ALA A 44 15.23 13.65 -14.10
C ALA A 44 13.82 13.55 -13.59
N LEU A 45 13.06 12.55 -14.04
CA LEU A 45 11.75 12.28 -13.55
C LEU A 45 11.79 11.99 -12.02
N PHE A 46 12.73 11.12 -11.62
CA PHE A 46 12.87 10.77 -10.22
C PHE A 46 13.26 12.00 -9.36
N LYS A 47 14.13 12.84 -9.87
N LYS A 47 14.13 12.85 -9.88
CA LYS A 47 14.50 14.04 -9.17
CA LYS A 47 14.47 14.03 -9.15
C LYS A 47 13.28 14.98 -9.04
C LYS A 47 13.26 14.96 -9.02
N LEU A 48 12.49 15.12 -10.07
CA LEU A 48 11.31 15.94 -10.02
C LEU A 48 10.36 15.45 -8.95
N ALA A 49 10.11 14.14 -8.94
CA ALA A 49 9.19 13.57 -7.90
C ALA A 49 9.74 13.78 -6.50
N ASP A 50 11.03 13.62 -6.34
CA ASP A 50 11.72 13.78 -5.03
C ASP A 50 11.56 15.24 -4.54
N GLU A 51 11.73 16.17 -5.45
CA GLU A 51 11.58 17.55 -5.09
C GLU A 51 10.17 17.92 -4.79
N ILE A 52 9.18 17.47 -5.56
CA ILE A 52 7.76 17.68 -5.26
C ILE A 52 7.44 17.13 -3.90
N ARG A 53 7.92 15.91 -3.60
CA ARG A 53 7.70 15.32 -2.27
C ARG A 53 8.23 16.26 -1.18
N ARG A 54 9.51 16.66 -1.31
CA ARG A 54 10.07 17.49 -0.29
C ARG A 54 9.28 18.81 -0.10
N LYS A 55 8.90 19.42 -1.23
CA LYS A 55 8.20 20.72 -1.11
C LYS A 55 6.80 20.62 -0.50
N TYR A 56 6.06 19.56 -0.82
CA TYR A 56 4.72 19.41 -0.37
C TYR A 56 4.53 18.69 0.94
N VAL A 57 5.28 17.61 1.16
CA VAL A 57 5.10 16.76 2.36
C VAL A 57 6.35 16.74 3.25
N GLY A 58 7.41 17.44 2.90
CA GLY A 58 8.57 17.60 3.75
C GLY A 58 9.37 16.33 3.90
N ASP A 59 10.23 16.37 4.92
CA ASP A 59 11.24 15.29 5.18
C ASP A 59 10.78 14.23 6.15
N GLU A 60 9.62 14.40 6.77
CA GLU A 60 9.11 13.36 7.69
CA GLU A 60 9.07 13.37 7.67
C GLU A 60 8.69 12.12 6.87
N VAL A 61 9.16 10.97 7.39
CA VAL A 61 8.72 9.68 6.85
C VAL A 61 7.80 9.08 7.91
N HIS A 62 6.57 8.83 7.58
CA HIS A 62 5.57 8.29 8.54
C HIS A 62 5.66 6.80 8.60
N ILE A 63 5.67 6.32 9.83
CA ILE A 63 5.79 4.89 10.17
C ILE A 63 4.42 4.32 10.46
N ARG A 64 4.01 3.31 9.69
CA ARG A 64 2.73 2.59 9.90
C ARG A 64 3.08 1.17 10.30
N ALA A 65 2.84 0.75 11.51
CA ALA A 65 3.16 -0.61 11.95
C ALA A 65 2.05 -1.54 11.52
N ILE A 66 2.36 -2.54 10.72
N ILE A 66 2.36 -2.53 10.65
CA ILE A 66 1.36 -3.47 10.20
CA ILE A 66 1.39 -3.50 10.15
C ILE A 66 1.36 -4.79 10.94
C ILE A 66 1.37 -4.78 10.97
N ILE A 67 0.14 -5.17 11.37
CA ILE A 67 -0.10 -6.47 12.04
C ILE A 67 -1.05 -7.27 11.10
N GLU A 68 -0.50 -8.35 10.52
CA GLU A 68 -1.22 -9.25 9.56
C GLU A 68 -1.80 -10.37 10.40
N PHE A 69 -3.05 -10.14 10.86
CA PHE A 69 -3.58 -10.89 12.02
C PHE A 69 -4.24 -12.19 11.63
N SER A 70 -4.52 -12.41 10.36
CA SER A 70 -5.10 -13.67 9.89
C SER A 70 -4.72 -13.79 8.42
N ASN A 71 -4.36 -15.02 8.05
CA ASN A 71 -4.11 -15.33 6.61
C ASN A 71 -5.21 -16.18 6.00
N VAL A 72 -6.36 -16.27 6.66
CA VAL A 72 -7.55 -16.94 6.09
C VAL A 72 -8.15 -16.01 5.07
N CYS A 73 -8.53 -16.55 3.89
CA CYS A 73 -9.26 -15.75 2.90
C CYS A 73 -10.31 -16.59 2.15
N ARG A 74 -11.45 -15.94 1.98
CA ARG A 74 -12.57 -16.49 1.21
C ARG A 74 -12.44 -16.26 -0.32
N LYS A 75 -11.55 -15.37 -0.78
CA LYS A 75 -11.42 -15.04 -2.17
C LYS A 75 -10.29 -15.88 -2.81
N ASN A 76 -10.20 -15.80 -4.13
CA ASN A 76 -9.31 -16.67 -4.90
C ASN A 76 -8.50 -15.91 -5.94
N CYS A 77 -8.10 -14.68 -5.61
CA CYS A 77 -7.34 -13.88 -6.56
C CYS A 77 -6.16 -14.63 -7.13
N LEU A 78 -5.98 -14.53 -8.43
CA LEU A 78 -5.01 -15.45 -9.08
C LEU A 78 -3.57 -15.22 -8.74
N TYR A 79 -3.29 -13.95 -8.34
CA TYR A 79 -1.88 -13.55 -8.03
C TYR A 79 -1.44 -13.87 -6.60
N CYS A 80 -2.41 -14.13 -5.70
CA CYS A 80 -2.13 -14.03 -4.25
C CYS A 80 -1.89 -15.36 -3.56
N GLY A 81 -0.80 -15.45 -2.82
CA GLY A 81 -0.51 -16.64 -2.10
C GLY A 81 -1.48 -17.06 -1.03
N LEU A 82 -2.37 -16.15 -0.58
CA LEU A 82 -3.39 -16.45 0.37
C LEU A 82 -4.70 -16.91 -0.24
N ARG A 83 -4.76 -17.03 -1.56
CA ARG A 83 -6.00 -17.42 -2.24
C ARG A 83 -6.56 -18.73 -1.65
N ARG A 84 -7.92 -18.78 -1.65
CA ARG A 84 -8.54 -19.97 -0.97
C ARG A 84 -8.12 -21.32 -1.48
N ASP A 85 -7.79 -21.41 -2.76
CA ASP A 85 -7.40 -22.71 -3.39
C ASP A 85 -6.01 -23.15 -3.02
N ASN A 86 -5.20 -22.28 -2.34
CA ASN A 86 -3.88 -22.71 -1.92
C ASN A 86 -3.94 -23.55 -0.66
N LYS A 87 -3.87 -24.88 -0.84
CA LYS A 87 -3.85 -25.84 0.28
C LYS A 87 -2.43 -26.00 0.88
N ASN A 88 -1.37 -25.44 0.26
CA ASN A 88 0.00 -25.64 0.77
CA ASN A 88 0.03 -25.59 0.70
C ASN A 88 0.45 -24.50 1.69
N LEU A 89 -0.54 -24.11 2.48
CA LEU A 89 -0.33 -23.01 3.43
C LEU A 89 -0.98 -23.33 4.75
N LYS A 90 -0.25 -23.23 5.84
CA LYS A 90 -0.80 -23.31 7.17
C LYS A 90 -1.52 -21.98 7.48
N ARG A 91 -2.80 -22.12 7.80
CA ARG A 91 -3.65 -20.97 8.09
C ARG A 91 -3.59 -20.64 9.60
N TYR A 92 -3.65 -19.36 9.94
CA TYR A 92 -3.63 -18.93 11.31
C TYR A 92 -4.60 -17.78 11.54
N ARG A 93 -5.00 -17.61 12.82
CA ARG A 93 -5.73 -16.47 13.27
C ARG A 93 -5.23 -15.99 14.59
N MET A 94 -4.80 -14.75 14.75
CA MET A 94 -4.46 -14.23 16.08
C MET A 94 -5.71 -13.99 16.87
N THR A 95 -5.68 -14.17 18.20
CA THR A 95 -6.82 -13.80 19.04
C THR A 95 -6.87 -12.26 19.20
N PRO A 96 -8.12 -11.80 19.54
CA PRO A 96 -8.26 -10.36 19.78
C PRO A 96 -7.27 -9.81 20.79
N GLU A 97 -7.10 -10.54 21.89
CA GLU A 97 -6.12 -10.11 22.91
C GLU A 97 -4.72 -10.06 22.36
N GLU A 98 -4.30 -11.03 21.57
CA GLU A 98 -2.98 -11.03 20.97
C GLU A 98 -2.85 -9.79 20.08
N ILE A 99 -3.87 -9.49 19.31
CA ILE A 99 -3.80 -8.34 18.36
C ILE A 99 -3.67 -7.07 19.14
N VAL A 100 -4.52 -6.88 20.13
CA VAL A 100 -4.48 -5.63 20.92
C VAL A 100 -3.13 -5.48 21.61
N GLU A 101 -2.60 -6.52 22.24
CA GLU A 101 -1.39 -6.42 22.97
C GLU A 101 -0.19 -6.22 22.04
N ARG A 102 -0.22 -6.80 20.82
CA ARG A 102 0.82 -6.59 19.83
C ARG A 102 0.80 -5.12 19.31
N ALA A 103 -0.42 -4.58 19.12
CA ALA A 103 -0.55 -3.15 18.84
C ALA A 103 0.07 -2.29 19.95
N ARG A 104 -0.28 -2.63 21.23
CA ARG A 104 0.27 -1.86 22.34
C ARG A 104 1.80 -1.88 22.32
N LEU A 105 2.41 -3.04 21.98
CA LEU A 105 3.87 -3.10 21.89
C LEU A 105 4.41 -2.17 20.81
N ALA A 106 3.74 -2.10 19.64
CA ALA A 106 4.14 -1.16 18.59
C ALA A 106 4.03 0.27 19.05
N VAL A 107 2.96 0.65 19.77
CA VAL A 107 2.84 2.01 20.28
C VAL A 107 3.95 2.27 21.30
N GLN A 108 4.29 1.30 22.14
CA GLN A 108 5.42 1.42 23.06
C GLN A 108 6.73 1.68 22.32
N PHE A 109 6.89 1.12 21.10
CA PHE A 109 8.05 1.28 20.23
C PHE A 109 8.03 2.56 19.38
N GLY A 110 6.96 3.35 19.52
CA GLY A 110 6.91 4.67 18.82
C GLY A 110 5.99 4.69 17.61
N ALA A 111 5.29 3.61 17.26
CA ALA A 111 4.36 3.70 16.11
C ALA A 111 3.25 4.62 16.47
N LYS A 112 2.93 5.50 15.45
CA LYS A 112 1.84 6.45 15.56
C LYS A 112 0.57 6.11 14.74
N THR A 113 0.68 5.09 13.89
CA THR A 113 -0.42 4.44 13.21
C THR A 113 -0.25 2.93 13.33
N ILE A 114 -1.33 2.23 13.61
CA ILE A 114 -1.43 0.76 13.57
C ILE A 114 -2.28 0.41 12.34
N VAL A 115 -1.71 -0.46 11.48
CA VAL A 115 -2.45 -1.04 10.36
C VAL A 115 -2.82 -2.47 10.70
N LEU A 116 -4.11 -2.79 10.61
CA LEU A 116 -4.62 -4.15 10.75
C LEU A 116 -4.95 -4.67 9.36
N GLN A 117 -4.26 -5.74 8.95
CA GLN A 117 -4.45 -6.31 7.63
C GLN A 117 -4.75 -7.80 7.75
N SER A 118 -5.56 -8.33 6.87
CA SER A 118 -5.83 -9.74 6.82
C SER A 118 -6.28 -10.14 5.45
N GLY A 119 -6.32 -11.50 5.24
CA GLY A 119 -7.20 -12.04 4.20
C GLY A 119 -8.62 -11.66 4.51
N GLU A 120 -9.49 -11.85 3.51
CA GLU A 120 -10.93 -11.68 3.78
C GLU A 120 -11.47 -12.84 4.59
N ASP A 121 -11.29 -12.75 5.90
CA ASP A 121 -11.53 -13.83 6.86
C ASP A 121 -12.85 -13.52 7.56
N PRO A 122 -13.94 -14.28 7.25
CA PRO A 122 -15.24 -13.95 7.84
C PRO A 122 -15.30 -13.99 9.40
N TYR A 123 -14.44 -14.73 10.06
CA TYR A 123 -14.57 -14.94 11.50
C TYR A 123 -14.71 -13.69 12.27
OD1 OTY A 124 -11.32 -12.59 10.83
N OTY A 124 -13.95 -12.65 11.91
N OTY A 124 -13.99 -12.67 11.91
CA OTY A 124 -13.85 -11.40 12.69
CA OTY A 124 -13.95 -11.39 12.66
C OTY A 124 -14.92 -10.39 12.39
C OTY A 124 -14.95 -10.35 12.31
O OTY A 124 -15.01 -9.32 13.00
O OTY A 124 -15.04 -9.29 13.00
CB OTY A 124 -12.48 -10.73 12.31
CB OTY A 124 -12.51 -10.80 12.59
CG OTY A 124 -11.22 -11.51 12.75
CG OTY A 124 -11.79 -11.59 13.79
CD1 OTY A 124 -10.66 -12.47 11.98
CD1 OTY A 124 -12.41 -12.38 14.77
CD2 OTY A 124 -10.64 -11.29 14.02
CD2 OTY A 124 -10.41 -11.57 13.91
CE1 OTY A 124 -9.55 -13.20 12.35
CE1 OTY A 124 -11.75 -13.09 15.81
CE2 OTY A 124 -9.54 -12.00 14.41
CE2 OTY A 124 -9.77 -12.26 14.94
CZ OTY A 124 -8.96 -12.93 13.56
CZ OTY A 124 -10.41 -13.03 15.91
OH OTY A 124 -7.82 -13.66 13.89
OH OTY A 124 -9.68 -13.70 16.89
N MET A 125 -15.67 -10.66 11.31
CA MET A 125 -16.39 -9.55 10.67
C MET A 125 -17.85 -9.49 11.06
N PRO A 126 -18.41 -8.36 11.47
CA PRO A 126 -17.75 -7.08 11.74
C PRO A 126 -17.35 -6.88 13.20
N ASP A 127 -17.93 -7.61 14.14
CA ASP A 127 -17.91 -7.16 15.54
C ASP A 127 -16.56 -7.34 16.23
N VAL A 128 -15.80 -8.39 15.88
CA VAL A 128 -14.52 -8.61 16.61
C VAL A 128 -13.57 -7.49 16.16
N ILE A 129 -13.57 -7.12 14.87
CA ILE A 129 -12.80 -5.98 14.41
C ILE A 129 -13.20 -4.72 15.19
N SER A 130 -14.50 -4.43 15.31
CA SER A 130 -14.92 -3.24 16.06
C SER A 130 -14.33 -3.24 17.48
N ASP A 131 -14.41 -4.36 18.14
CA ASP A 131 -13.95 -4.41 19.52
C ASP A 131 -12.41 -4.13 19.55
N ILE A 132 -11.63 -4.73 18.64
CA ILE A 132 -10.21 -4.49 18.58
C ILE A 132 -9.86 -3.04 18.31
N VAL A 133 -10.55 -2.45 17.32
CA VAL A 133 -10.36 -1.06 16.97
C VAL A 133 -10.59 -0.13 18.20
N LYS A 134 -11.67 -0.37 18.93
CA LYS A 134 -11.95 0.48 20.11
C LYS A 134 -10.81 0.38 21.10
N GLU A 135 -10.30 -0.80 21.33
CA GLU A 135 -9.18 -0.97 22.32
C GLU A 135 -7.92 -0.29 21.83
N ILE A 136 -7.58 -0.37 20.57
CA ILE A 136 -6.34 0.26 20.08
C ILE A 136 -6.49 1.79 20.09
N LYS A 137 -7.69 2.26 19.73
CA LYS A 137 -7.93 3.72 19.75
C LYS A 137 -7.70 4.36 21.13
N LYS A 138 -7.87 3.60 22.18
CA LYS A 138 -7.62 4.13 23.53
C LYS A 138 -6.13 4.53 23.73
N MET A 139 -5.23 3.96 22.87
N MET A 139 -5.23 4.00 22.87
CA MET A 139 -3.82 4.20 22.96
CA MET A 139 -3.80 4.24 22.95
C MET A 139 -3.39 5.52 22.32
C MET A 139 -3.37 5.53 22.28
N GLY A 140 -4.34 6.26 21.70
CA GLY A 140 -4.06 7.60 21.19
C GLY A 140 -3.25 7.60 19.89
N VAL A 141 -3.50 6.62 19.05
CA VAL A 141 -2.86 6.50 17.73
C VAL A 141 -3.94 6.37 16.66
N ALA A 142 -3.50 6.56 15.39
CA ALA A 142 -4.38 6.33 14.23
C ALA A 142 -4.50 4.79 14.00
N VAL A 143 -5.68 4.39 13.56
CA VAL A 143 -5.93 3.02 13.16
C VAL A 143 -6.33 2.99 11.69
N THR A 144 -5.63 2.16 10.92
CA THR A 144 -5.90 1.90 9.51
C THR A 144 -6.33 0.44 9.34
N LEU A 145 -7.38 0.20 8.59
CA LEU A 145 -7.85 -1.16 8.31
C LEU A 145 -7.52 -1.52 6.83
N SER A 146 -7.20 -2.78 6.60
CA SER A 146 -6.92 -3.26 5.23
C SER A 146 -7.47 -4.70 5.20
N LEU A 147 -8.81 -4.82 5.11
CA LEU A 147 -9.52 -6.08 5.32
C LEU A 147 -10.27 -6.54 4.06
N GLY A 148 -10.16 -5.82 2.94
CA GLY A 148 -10.85 -6.21 1.71
C GLY A 148 -12.23 -5.58 1.58
N GLU A 149 -13.01 -6.30 0.72
CA GLU A 149 -14.38 -5.85 0.36
C GLU A 149 -15.46 -6.45 1.29
N TRP A 150 -16.22 -5.54 1.92
CA TRP A 150 -17.29 -5.94 2.86
C TRP A 150 -18.48 -5.04 2.61
N PRO A 151 -19.65 -5.41 3.18
CA PRO A 151 -20.81 -4.50 3.08
C PRO A 151 -20.62 -3.16 3.71
N ARG A 152 -21.36 -2.14 3.18
CA ARG A 152 -21.38 -0.82 3.74
CA ARG A 152 -21.30 -0.82 3.74
C ARG A 152 -21.53 -0.81 5.26
N GLU A 153 -22.47 -1.63 5.71
CA GLU A 153 -22.74 -1.71 7.15
C GLU A 153 -21.50 -2.03 7.94
N TYR A 154 -20.62 -2.92 7.46
CA TYR A 154 -19.39 -3.25 8.18
C TYR A 154 -18.45 -2.04 8.24
N TYR A 155 -18.27 -1.39 7.06
CA TYR A 155 -17.47 -0.18 7.05
C TYR A 155 -17.98 0.92 7.97
N GLU A 156 -19.29 1.07 7.97
CA GLU A 156 -19.92 2.02 8.92
CA GLU A 156 -19.92 2.02 8.92
C GLU A 156 -19.65 1.74 10.42
N LYS A 157 -19.84 0.46 10.77
CA LYS A 157 -19.53 0.01 12.14
C LYS A 157 -18.09 0.28 12.54
N TRP A 158 -17.15 0.00 11.59
CA TRP A 158 -15.71 0.20 11.91
C TRP A 158 -15.35 1.66 12.04
N LYS A 159 -16.01 2.50 11.24
CA LYS A 159 -15.86 3.96 11.36
C LYS A 159 -16.42 4.46 12.73
N GLU A 160 -17.57 3.97 13.13
CA GLU A 160 -18.10 4.37 14.47
C GLU A 160 -17.21 3.87 15.57
N ALA A 161 -16.53 2.71 15.40
CA ALA A 161 -15.66 2.13 16.40
C ALA A 161 -14.35 2.98 16.58
N GLY A 162 -14.09 3.82 15.56
CA GLY A 162 -12.96 4.74 15.64
C GLY A 162 -11.88 4.61 14.54
N ALA A 163 -12.07 3.68 13.59
CA ALA A 163 -11.06 3.56 12.55
C ALA A 163 -10.90 4.89 11.79
N ASP A 164 -9.68 5.23 11.44
CA ASP A 164 -9.33 6.47 10.78
C ASP A 164 -9.16 6.35 9.28
N ARG A 165 -8.57 5.24 8.81
CA ARG A 165 -8.16 5.07 7.45
C ARG A 165 -8.49 3.65 6.96
N TYR A 166 -8.55 3.49 5.61
CA TYR A 166 -8.79 2.17 5.04
C TYR A 166 -7.96 2.08 3.77
N LEU A 167 -7.20 1.01 3.64
CA LEU A 167 -6.42 0.72 2.45
C LEU A 167 -7.16 -0.34 1.61
N LEU A 168 -7.49 -0.03 0.36
CA LEU A 168 -8.15 -0.96 -0.55
C LEU A 168 -7.60 -0.71 -1.96
N ARG A 169 -6.47 -1.33 -2.24
CA ARG A 169 -5.85 -1.10 -3.56
C ARG A 169 -6.88 -1.40 -4.64
N HIS A 170 -6.93 -0.59 -5.70
CA HIS A 170 -7.86 -0.90 -6.80
C HIS A 170 -7.28 -1.99 -7.70
N GLU A 171 -6.01 -2.35 -7.59
CA GLU A 171 -5.30 -3.47 -8.19
C GLU A 171 -4.98 -3.25 -9.71
N THR A 172 -6.06 -3.00 -10.47
CA THR A 172 -6.01 -2.62 -11.87
C THR A 172 -7.26 -1.96 -12.25
N ALA A 173 -7.16 -0.83 -12.96
CA ALA A 173 -8.33 -0.04 -13.40
C ALA A 173 -8.88 -0.58 -14.75
N ASN A 174 -8.33 -1.63 -15.26
CA ASN A 174 -8.87 -2.29 -16.51
C ASN A 174 -9.96 -3.29 -16.00
N PRO A 175 -11.26 -3.05 -16.27
CA PRO A 175 -12.28 -3.92 -15.70
C PRO A 175 -12.23 -5.36 -16.15
N VAL A 176 -11.81 -5.53 -17.39
CA VAL A 176 -11.69 -6.85 -17.99
C VAL A 176 -10.58 -7.65 -17.26
N LEU A 177 -9.39 -7.05 -17.20
CA LEU A 177 -8.28 -7.68 -16.51
C LEU A 177 -8.60 -7.94 -15.00
N HIS A 178 -9.30 -6.97 -14.41
CA HIS A 178 -9.64 -7.06 -12.98
C HIS A 178 -10.49 -8.32 -12.73
N ARG A 179 -11.52 -8.48 -13.56
CA ARG A 179 -12.41 -9.59 -13.37
C ARG A 179 -11.72 -10.95 -13.57
N LYS A 180 -10.82 -11.02 -14.55
CA LYS A 180 -10.02 -12.22 -14.80
C LYS A 180 -9.14 -12.59 -13.60
N LEU A 181 -8.47 -11.58 -13.04
CA LEU A 181 -7.55 -11.83 -11.95
C LEU A 181 -8.23 -11.97 -10.58
N ARG A 182 -9.47 -11.52 -10.47
CA ARG A 182 -10.18 -11.44 -9.19
C ARG A 182 -11.63 -11.98 -9.44
N PRO A 183 -11.69 -13.31 -9.61
CA PRO A 183 -12.91 -13.87 -10.19
C PRO A 183 -14.10 -13.95 -9.28
N ASP A 184 -13.94 -13.57 -8.00
CA ASP A 184 -15.02 -13.45 -7.07
C ASP A 184 -15.77 -12.13 -7.16
N THR A 185 -15.20 -11.14 -7.88
CA THR A 185 -15.65 -9.82 -7.78
C THR A 185 -15.39 -9.02 -9.06
N SER A 186 -15.36 -7.69 -8.96
CA SER A 186 -15.20 -6.84 -10.17
C SER A 186 -14.60 -5.51 -9.80
N PHE A 187 -14.09 -4.79 -10.81
CA PHE A 187 -13.67 -3.44 -10.66
C PHE A 187 -14.80 -2.57 -10.16
N GLU A 188 -16.04 -2.77 -10.73
CA GLU A 188 -17.14 -1.96 -10.29
C GLU A 188 -17.37 -2.08 -8.72
N ASN A 189 -17.36 -3.33 -8.27
N ASN A 189 -17.34 -3.33 -8.25
CA ASN A 189 -17.46 -3.56 -6.84
CA ASN A 189 -17.47 -3.60 -6.82
C ASN A 189 -16.32 -2.90 -6.00
C ASN A 189 -16.32 -2.91 -6.00
N ARG A 190 -15.10 -3.01 -6.52
CA ARG A 190 -13.93 -2.42 -5.86
C ARG A 190 -14.03 -0.93 -5.72
N LEU A 191 -14.48 -0.32 -6.87
CA LEU A 191 -14.69 1.11 -6.85
C LEU A 191 -15.80 1.55 -5.95
N ASN A 192 -16.90 0.80 -5.99
CA ASN A 192 -18.01 1.12 -5.08
C ASN A 192 -17.58 1.07 -3.59
N CYS A 193 -16.76 0.09 -3.24
CA CYS A 193 -16.18 0.04 -1.86
C CYS A 193 -15.34 1.29 -1.57
N LEU A 194 -14.45 1.68 -2.53
CA LEU A 194 -13.61 2.86 -2.32
C LEU A 194 -14.46 4.17 -2.15
N LEU A 195 -15.53 4.28 -2.98
CA LEU A 195 -16.40 5.45 -2.90
C LEU A 195 -17.18 5.46 -1.60
N THR A 196 -17.62 4.29 -1.12
CA THR A 196 -18.32 4.17 0.21
C THR A 196 -17.40 4.58 1.33
N LEU A 197 -16.14 4.11 1.29
CA LEU A 197 -15.15 4.44 2.33
C LEU A 197 -14.93 5.96 2.39
N LYS A 198 -14.74 6.60 1.20
CA LYS A 198 -14.62 8.10 1.08
C LYS A 198 -15.86 8.83 1.68
N GLU A 199 -17.05 8.34 1.33
CA GLU A 199 -18.30 8.95 1.86
C GLU A 199 -18.44 8.85 3.36
N LEU A 200 -17.96 7.74 3.98
CA LEU A 200 -18.03 7.53 5.39
C LEU A 200 -16.99 8.33 6.19
N GLY A 201 -16.08 9.03 5.51
CA GLY A 201 -15.08 9.92 6.14
C GLY A 201 -13.75 9.26 6.42
N TYR A 202 -13.50 8.02 5.90
CA TYR A 202 -12.14 7.45 6.01
C TYR A 202 -11.16 8.24 5.17
N GLU A 203 -9.91 8.38 5.64
N GLU A 203 -9.88 8.41 5.63
CA GLU A 203 -8.82 8.62 4.72
CA GLU A 203 -8.77 8.61 4.70
C GLU A 203 -8.64 7.29 3.93
C GLU A 203 -8.59 7.29 3.93
N THR A 204 -8.66 7.39 2.61
N THR A 204 -8.67 7.34 2.59
CA THR A 204 -8.84 6.21 1.75
CA THR A 204 -8.84 6.15 1.80
C THR A 204 -7.66 5.96 0.88
C THR A 204 -7.65 5.96 0.91
N GLY A 205 -7.12 4.76 0.88
CA GLY A 205 -5.97 4.40 0.06
C GLY A 205 -6.37 3.46 -1.07
N ALA A 206 -5.85 3.76 -2.24
CA ALA A 206 -6.03 2.90 -3.43
C ALA A 206 -4.63 2.51 -3.92
N GLY A 207 -4.43 2.19 -5.19
CA GLY A 207 -3.19 1.74 -5.69
C GLY A 207 -3.25 0.45 -6.46
N SER A 208 -2.18 0.01 -7.07
CA SER A 208 -2.17 -1.02 -8.06
C SER A 208 -0.88 -1.73 -8.14
N MET A 209 -0.93 -2.91 -8.76
CA MET A 209 0.30 -3.67 -9.07
C MET A 209 0.77 -3.32 -10.50
N VAL A 210 2.06 -3.42 -10.67
CA VAL A 210 2.72 -3.11 -11.94
C VAL A 210 3.38 -4.40 -12.49
N GLY A 211 3.08 -4.74 -13.75
CA GLY A 211 3.65 -5.90 -14.37
C GLY A 211 2.78 -7.18 -14.24
N LEU A 212 1.49 -6.97 -13.97
CA LEU A 212 0.50 -8.08 -13.98
C LEU A 212 0.52 -8.74 -15.39
N PRO A 213 0.28 -10.07 -15.43
CA PRO A 213 0.17 -10.67 -16.78
C PRO A 213 -0.99 -10.06 -17.55
N GLY A 214 -0.73 -9.66 -18.81
CA GLY A 214 -1.70 -9.03 -19.65
C GLY A 214 -1.89 -7.55 -19.52
N GLN A 215 -1.18 -6.94 -18.51
CA GLN A 215 -1.35 -5.53 -18.30
C GLN A 215 -0.45 -4.74 -19.25
N THR A 216 -0.95 -3.70 -19.87
CA THR A 216 -0.18 -2.92 -20.86
C THR A 216 0.25 -1.57 -20.28
N ILE A 217 1.07 -0.86 -21.03
CA ILE A 217 1.40 0.51 -20.69
C ILE A 217 0.19 1.36 -20.64
N ASP A 218 -0.76 1.22 -21.59
CA ASP A 218 -1.96 2.05 -21.55
C ASP A 218 -2.77 1.74 -20.27
N ASP A 219 -2.73 0.50 -19.84
CA ASP A 219 -3.37 0.20 -18.55
C ASP A 219 -2.79 0.95 -17.33
N LEU A 220 -1.46 1.07 -17.37
CA LEU A 220 -0.78 1.83 -16.31
C LEU A 220 -1.13 3.30 -16.34
N VAL A 221 -1.25 3.89 -17.60
CA VAL A 221 -1.76 5.24 -17.71
C VAL A 221 -3.13 5.38 -17.09
N ASP A 222 -4.03 4.42 -17.41
CA ASP A 222 -5.38 4.46 -16.83
C ASP A 222 -5.37 4.36 -15.29
N ASP A 223 -4.38 3.60 -14.77
CA ASP A 223 -4.22 3.56 -13.25
C ASP A 223 -3.86 4.95 -12.72
N LEU A 224 -2.94 5.65 -13.38
CA LEU A 224 -2.58 7.02 -12.93
C LEU A 224 -3.77 7.98 -13.02
N LEU A 225 -4.55 7.89 -14.14
CA LEU A 225 -5.66 8.81 -14.32
C LEU A 225 -6.80 8.52 -13.34
N PHE A 226 -6.96 7.24 -13.04
CA PHE A 226 -7.92 6.84 -11.99
C PHE A 226 -7.61 7.43 -10.62
N LEU A 227 -6.35 7.34 -10.29
CA LEU A 227 -5.85 7.86 -9.02
C LEU A 227 -6.03 9.35 -8.95
N LYS A 228 -5.70 10.04 -10.04
CA LYS A 228 -5.82 11.44 -10.05
C LYS A 228 -7.31 11.82 -9.98
N GLU A 229 -8.18 11.10 -10.68
CA GLU A 229 -9.63 11.45 -10.72
C GLU A 229 -10.21 11.49 -9.32
N HIS A 230 -9.89 10.46 -8.52
CA HIS A 230 -10.52 10.23 -7.17
C HIS A 230 -9.73 10.87 -6.02
N ASP A 231 -8.58 11.42 -6.29
CA ASP A 231 -7.86 12.19 -5.29
C ASP A 231 -7.63 11.43 -3.99
N PHE A 232 -7.14 10.26 -4.12
CA PHE A 232 -6.99 9.42 -2.97
C PHE A 232 -5.96 10.03 -1.97
N ASP A 233 -6.23 9.74 -0.69
CA ASP A 233 -5.31 10.21 0.38
C ASP A 233 -4.02 9.41 0.40
N MET A 234 -4.06 8.11 0.11
N MET A 234 -4.09 8.13 0.10
CA MET A 234 -2.87 7.21 0.08
CA MET A 234 -2.90 7.27 0.01
C MET A 234 -2.89 6.40 -1.18
C MET A 234 -2.91 6.45 -1.25
N VAL A 235 -1.72 6.12 -1.74
CA VAL A 235 -1.59 5.32 -2.93
C VAL A 235 -0.47 4.26 -2.72
N GLY A 236 -0.82 2.99 -2.68
CA GLY A 236 0.11 1.88 -2.52
C GLY A 236 0.36 1.21 -3.85
N ILE A 237 1.66 1.26 -4.28
CA ILE A 237 2.05 0.71 -5.58
C ILE A 237 3.20 -0.26 -5.36
N GLY A 238 3.18 -1.43 -5.96
CA GLY A 238 4.31 -2.31 -6.03
C GLY A 238 4.30 -3.18 -7.29
N PRO A 239 5.39 -3.88 -7.47
CA PRO A 239 5.45 -4.84 -8.57
C PRO A 239 4.65 -6.10 -8.26
N PHE A 240 4.09 -6.71 -9.35
CA PHE A 240 3.64 -8.08 -9.25
C PHE A 240 4.80 -9.02 -9.04
N ILE A 241 4.71 -9.90 -8.04
CA ILE A 241 5.71 -10.90 -7.79
C ILE A 241 5.04 -12.29 -7.79
N PRO A 242 5.41 -13.14 -8.78
CA PRO A 242 4.70 -14.43 -8.90
CA PRO A 242 4.73 -14.45 -8.90
C PRO A 242 4.93 -15.32 -7.69
N HIS A 243 3.83 -16.04 -7.30
CA HIS A 243 3.88 -16.91 -6.14
C HIS A 243 3.72 -18.37 -6.67
N PRO A 244 4.58 -19.24 -6.18
CA PRO A 244 4.65 -20.62 -6.80
C PRO A 244 3.42 -21.44 -6.57
N ASP A 245 2.57 -21.13 -5.57
CA ASP A 245 1.35 -21.89 -5.27
C ASP A 245 0.10 -21.20 -5.83
N THR A 246 0.22 -20.51 -6.96
CA THR A 246 -0.82 -19.82 -7.60
C THR A 246 -0.83 -20.14 -9.13
N PRO A 247 -1.93 -19.81 -9.79
CA PRO A 247 -1.98 -19.99 -11.22
C PRO A 247 -1.00 -19.16 -11.99
N LEU A 248 -0.46 -18.09 -11.37
CA LEU A 248 0.44 -17.18 -12.06
C LEU A 248 1.89 -17.47 -11.75
N ALA A 249 2.18 -18.61 -11.20
CA ALA A 249 3.53 -19.06 -10.77
C ALA A 249 4.61 -18.84 -11.84
N ASN A 250 4.26 -19.07 -13.12
CA ASN A 250 5.29 -19.01 -14.20
C ASN A 250 5.26 -17.76 -14.96
N GLU A 251 4.58 -16.74 -14.47
CA GLU A 251 4.57 -15.46 -15.17
C GLU A 251 5.76 -14.58 -14.79
N LYS A 252 6.04 -13.53 -15.56
CA LYS A 252 7.23 -12.63 -15.29
C LYS A 252 6.91 -11.69 -14.14
N LYS A 253 7.91 -11.46 -13.29
N LYS A 253 7.89 -11.49 -13.30
CA LYS A 253 7.78 -10.42 -12.24
CA LYS A 253 7.82 -10.46 -12.28
C LYS A 253 7.71 -9.03 -12.87
C LYS A 253 7.72 -9.05 -12.87
N GLY A 254 7.03 -8.14 -12.19
CA GLY A 254 7.03 -6.75 -12.61
C GLY A 254 8.44 -6.09 -12.52
N ASP A 255 8.65 -5.15 -13.42
CA ASP A 255 9.91 -4.43 -13.49
C ASP A 255 10.01 -3.37 -12.40
N PHE A 256 11.14 -3.39 -11.71
CA PHE A 256 11.36 -2.41 -10.62
C PHE A 256 11.33 -0.97 -11.15
N THR A 257 12.11 -0.69 -12.21
CA THR A 257 12.23 0.68 -12.70
C THR A 257 10.89 1.26 -13.16
N LEU A 258 10.08 0.42 -13.90
CA LEU A 258 8.81 0.86 -14.34
C LEU A 258 7.88 1.20 -13.14
N THR A 259 7.96 0.29 -12.14
CA THR A 259 7.12 0.46 -10.91
C THR A 259 7.54 1.77 -10.19
N LEU A 260 8.86 2.02 -10.13
CA LEU A 260 9.37 3.29 -9.54
C LEU A 260 8.90 4.53 -10.29
N LYS A 261 8.82 4.43 -11.64
CA LYS A 261 8.24 5.49 -12.40
C LYS A 261 6.76 5.73 -12.11
N MET A 262 6.00 4.67 -11.80
CA MET A 262 4.65 4.81 -11.42
C MET A 262 4.53 5.54 -10.07
N VAL A 263 5.46 5.19 -9.11
CA VAL A 263 5.49 5.96 -7.85
C VAL A 263 5.78 7.43 -8.06
N ALA A 264 6.81 7.70 -8.91
CA ALA A 264 7.19 9.08 -9.15
C ALA A 264 6.06 9.86 -9.81
N LEU A 265 5.42 9.29 -10.82
CA LEU A 265 4.28 9.99 -11.44
C LEU A 265 3.12 10.21 -10.54
N THR A 266 2.86 9.24 -9.61
CA THR A 266 1.79 9.36 -8.61
C THR A 266 2.07 10.59 -7.73
N ARG A 267 3.34 10.75 -7.27
CA ARG A 267 3.67 11.92 -6.47
C ARG A 267 3.46 13.24 -7.28
N ILE A 268 3.90 13.26 -8.54
CA ILE A 268 3.75 14.44 -9.40
C ILE A 268 2.25 14.77 -9.57
N LEU A 269 1.40 13.75 -9.74
CA LEU A 269 -0.01 13.95 -9.95
C LEU A 269 -0.77 14.33 -8.68
N LEU A 270 -0.34 13.75 -7.55
CA LEU A 270 -1.02 13.89 -6.25
C LEU A 270 0.03 14.38 -5.23
N PRO A 271 0.44 15.67 -5.32
CA PRO A 271 1.60 16.09 -4.61
C PRO A 271 1.51 16.09 -3.11
N ASP A 272 0.30 16.16 -2.56
CA ASP A 272 0.09 16.16 -1.13
C ASP A 272 -0.37 14.84 -0.57
N SER A 273 -0.29 13.75 -1.34
CA SER A 273 -0.76 12.45 -0.87
C SER A 273 0.30 11.76 0.00
N ASN A 274 -0.14 10.69 0.67
CA ASN A 274 0.75 9.81 1.43
C ASN A 274 1.01 8.55 0.57
N ILE A 275 2.30 8.28 0.26
CA ILE A 275 2.72 7.25 -0.67
C ILE A 275 3.78 6.37 0.01
N PRO A 276 3.47 5.06 0.27
CA PRO A 276 4.47 4.21 0.90
C PRO A 276 5.54 3.73 -0.08
N ALA A 277 6.71 3.44 0.45
CA ALA A 277 7.74 2.62 -0.16
C ALA A 277 7.45 1.18 0.27
N THR A 278 6.80 0.41 -0.62
CA THR A 278 6.19 -0.86 -0.20
C THR A 278 7.23 -1.96 -0.01
N THR A 279 6.92 -2.93 0.84
CA THR A 279 7.76 -4.01 1.04
C THR A 279 8.02 -4.79 -0.27
N ALA A 280 7.06 -4.88 -1.17
CA ALA A 280 7.34 -5.56 -2.44
C ALA A 280 8.48 -4.89 -3.17
N MET A 281 8.60 -3.57 -3.11
CA MET A 281 9.72 -2.88 -3.75
C MET A 281 11.05 -3.29 -3.10
N GLY A 282 11.11 -3.51 -1.82
CA GLY A 282 12.27 -4.00 -1.17
C GLY A 282 12.60 -5.49 -1.35
N THR A 283 11.61 -6.24 -1.80
CA THR A 283 11.72 -7.65 -2.09
C THR A 283 12.34 -7.87 -3.44
N ILE A 284 11.91 -7.12 -4.48
N ILE A 284 11.92 -7.17 -4.50
CA ILE A 284 12.47 -7.42 -5.79
CA ILE A 284 12.45 -7.41 -5.83
C ILE A 284 13.86 -6.86 -6.02
C ILE A 284 13.87 -6.84 -6.07
N VAL A 285 14.23 -5.80 -5.31
CA VAL A 285 15.56 -5.22 -5.40
C VAL A 285 16.09 -4.97 -4.00
N PRO A 286 17.30 -5.41 -3.66
CA PRO A 286 17.86 -5.06 -2.35
C PRO A 286 18.01 -3.56 -2.24
N GLY A 287 17.50 -3.00 -1.15
CA GLY A 287 17.44 -1.57 -0.99
C GLY A 287 16.36 -0.82 -1.79
N GLY A 288 15.36 -1.56 -2.30
CA GLY A 288 14.32 -0.96 -3.08
C GLY A 288 13.44 0.02 -2.32
N ARG A 289 13.21 -0.19 -1.00
CA ARG A 289 12.35 0.80 -0.26
C ARG A 289 13.06 2.13 -0.18
N GLU A 290 14.38 2.09 0.13
CA GLU A 290 15.16 3.29 0.25
C GLU A 290 15.18 4.08 -1.03
N ILE A 291 15.37 3.39 -2.16
CA ILE A 291 15.29 4.06 -3.48
C ILE A 291 13.90 4.75 -3.60
N THR A 292 12.83 4.03 -3.27
CA THR A 292 11.49 4.49 -3.49
C THR A 292 11.19 5.75 -2.65
N LEU A 293 11.71 5.77 -1.39
CA LEU A 293 11.59 6.95 -0.52
C LEU A 293 12.33 8.15 -1.11
N ARG A 294 13.26 7.98 -2.05
CA ARG A 294 13.93 9.08 -2.71
C ARG A 294 13.37 9.42 -4.10
N CYS A 295 12.26 8.79 -4.50
CA CYS A 295 11.69 8.99 -5.77
C CYS A 295 10.18 9.33 -5.66
N GLY A 296 9.77 9.85 -4.46
CA GLY A 296 8.39 10.29 -4.28
C GLY A 296 7.70 9.80 -3.06
N ALA A 297 8.13 8.69 -2.50
CA ALA A 297 7.44 8.11 -1.32
C ALA A 297 7.80 8.82 -0.05
N ASN A 298 6.89 8.77 0.92
CA ASN A 298 7.06 9.44 2.22
C ASN A 298 6.52 8.63 3.43
N VAL A 299 6.19 7.36 3.20
CA VAL A 299 5.64 6.48 4.24
C VAL A 299 6.40 5.13 4.14
N ILE A 300 6.53 4.49 5.32
CA ILE A 300 7.08 3.14 5.39
C ILE A 300 6.26 2.32 6.35
N MET A 301 6.11 1.05 6.05
N MET A 301 6.09 1.04 6.05
CA MET A 301 5.23 0.16 6.77
CA MET A 301 5.22 0.15 6.79
C MET A 301 6.02 -1.07 7.34
C MET A 301 6.01 -1.07 7.35
N PRO A 302 6.70 -0.89 8.46
CA PRO A 302 7.47 -2.04 9.02
C PRO A 302 6.50 -3.15 9.45
N ASN A 303 6.92 -4.42 9.24
N ASN A 303 6.93 -4.41 9.21
CA ASN A 303 6.09 -5.54 9.55
CA ASN A 303 6.11 -5.53 9.59
C ASN A 303 6.18 -5.77 11.06
C ASN A 303 6.19 -5.77 11.08
N TRP A 304 5.03 -5.80 11.69
CA TRP A 304 4.91 -6.04 13.12
C TRP A 304 4.16 -7.29 13.42
N THR A 305 3.99 -8.17 12.47
CA THR A 305 3.31 -9.46 12.73
C THR A 305 4.27 -10.34 13.62
N PRO A 306 3.70 -10.94 14.69
CA PRO A 306 4.59 -11.73 15.55
C PRO A 306 4.95 -13.06 14.95
N SER A 307 6.11 -13.61 15.33
CA SER A 307 6.33 -15.07 15.08
C SER A 307 5.36 -15.80 16.07
N PRO A 308 4.82 -17.01 15.72
CA PRO A 308 5.23 -17.74 14.53
C PRO A 308 4.44 -17.52 13.29
N TYR A 309 3.63 -16.48 13.26
CA TYR A 309 2.68 -16.21 12.19
C TYR A 309 3.30 -15.45 11.06
N ARG A 310 4.24 -14.54 11.36
CA ARG A 310 4.80 -13.70 10.33
C ARG A 310 5.17 -14.47 9.06
N GLN A 311 5.87 -15.63 9.24
CA GLN A 311 6.38 -16.35 8.09
C GLN A 311 5.26 -17.04 7.28
N LEU A 312 4.02 -17.08 7.77
CA LEU A 312 2.85 -17.68 7.12
C LEU A 312 2.00 -16.71 6.29
N TYR A 313 2.36 -15.42 6.32
CA TYR A 313 1.65 -14.41 5.58
C TYR A 313 2.47 -13.99 4.36
N GLN A 314 2.42 -14.83 3.36
CA GLN A 314 3.27 -14.45 2.19
C GLN A 314 2.39 -14.37 0.94
N LEU A 315 2.01 -13.14 0.66
CA LEU A 315 1.25 -12.84 -0.52
C LEU A 315 2.05 -13.18 -1.71
N TYR A 316 3.35 -12.99 -1.57
CA TYR A 316 4.34 -13.30 -2.54
C TYR A 316 5.58 -13.83 -1.83
N PRO A 317 6.44 -14.51 -2.53
CA PRO A 317 7.60 -15.08 -1.86
C PRO A 317 8.76 -14.13 -1.70
N GLY A 318 9.69 -14.54 -0.81
CA GLY A 318 10.89 -13.73 -0.63
C GLY A 318 10.72 -12.57 0.25
N LYS A 319 9.56 -12.46 0.85
CA LYS A 319 9.29 -11.23 1.64
C LYS A 319 10.39 -11.02 2.70
N ILE A 320 10.92 -9.79 2.75
CA ILE A 320 12.03 -9.51 3.70
C ILE A 320 11.43 -9.38 5.15
N SER A 321 12.22 -9.22 6.17
CA SER A 321 11.78 -9.10 7.54
C SER A 321 11.35 -10.40 8.25
N VAL A 322 11.60 -11.55 7.65
CA VAL A 322 11.20 -12.82 8.28
C VAL A 322 12.22 -13.44 9.16
N PHE A 323 13.47 -13.32 8.92
CA PHE A 323 14.42 -14.01 9.76
C PHE A 323 14.86 -13.31 11.06
N GLU A 324 14.62 -12.04 11.20
CA GLU A 324 15.00 -11.20 12.34
C GLU A 324 13.93 -11.32 13.46
N LYS A 325 14.30 -10.95 14.64
CA LYS A 325 13.41 -10.86 15.76
C LYS A 325 12.23 -10.06 15.36
N ASP A 326 11.03 -10.35 15.88
CA ASP A 326 9.81 -9.73 15.45
C ASP A 326 9.70 -8.25 15.95
N THR A 327 10.62 -7.73 16.74
CA THR A 327 10.64 -6.39 17.15
C THR A 327 11.74 -5.58 16.40
N ALA A 328 12.41 -6.19 15.47
CA ALA A 328 13.46 -5.51 14.76
C ALA A 328 13.03 -4.39 13.76
N SER A 329 11.84 -4.53 13.21
CA SER A 329 11.47 -3.73 12.03
C SER A 329 11.31 -2.23 12.33
N ILE A 330 10.72 -1.86 13.48
CA ILE A 330 10.56 -0.45 13.81
C ILE A 330 11.96 0.23 14.00
N PRO A 331 12.84 -0.40 14.86
CA PRO A 331 14.16 0.19 14.96
C PRO A 331 14.89 0.23 13.60
N SER A 332 14.72 -0.81 12.77
N SER A 332 14.77 -0.81 12.76
CA SER A 332 15.41 -0.80 11.50
CA SER A 332 15.44 -0.77 11.47
C SER A 332 14.92 0.35 10.59
C SER A 332 14.95 0.37 10.59
N VAL A 333 13.64 0.66 10.56
CA VAL A 333 13.14 1.77 9.75
C VAL A 333 13.54 3.08 10.37
N MET A 334 13.68 3.20 11.69
CA MET A 334 14.18 4.42 12.25
CA MET A 334 14.21 4.42 12.34
C MET A 334 15.64 4.70 11.84
N LYS A 335 16.46 3.66 11.77
CA LYS A 335 17.84 3.81 11.24
C LYS A 335 17.79 4.19 9.78
N MET A 336 16.91 3.53 8.99
CA MET A 336 16.78 3.89 7.58
C MET A 336 16.48 5.38 7.37
N ILE A 337 15.49 5.84 8.09
CA ILE A 337 15.06 7.23 7.99
C ILE A 337 16.25 8.20 8.26
N GLU A 338 17.00 7.90 9.30
CA GLU A 338 18.20 8.72 9.64
C GLU A 338 19.24 8.67 8.53
N LEU A 339 19.60 7.45 8.05
CA LEU A 339 20.68 7.36 7.05
C LEU A 339 20.24 8.01 5.72
N LEU A 340 18.93 8.09 5.48
CA LEU A 340 18.41 8.83 4.32
C LEU A 340 18.40 10.35 4.48
N GLY A 341 18.78 10.83 5.66
CA GLY A 341 18.75 12.25 5.93
C GLY A 341 17.32 12.80 6.10
N ARG A 342 16.43 11.95 6.57
CA ARG A 342 15.04 12.27 6.77
C ARG A 342 14.67 12.30 8.24
N LYS A 343 13.41 12.54 8.63
CA LYS A 343 12.99 12.65 10.02
C LYS A 343 11.84 11.79 10.30
N PRO A 344 11.61 11.21 11.54
CA PRO A 344 10.40 10.39 11.73
C PRO A 344 9.17 11.36 11.89
N GLY A 345 8.04 10.89 11.49
CA GLY A 345 6.83 11.61 11.70
C GLY A 345 6.58 11.97 13.15
N ARG A 346 6.06 13.18 13.36
CA ARG A 346 5.85 13.69 14.68
C ARG A 346 4.40 13.53 15.17
N ASP A 347 3.49 13.36 14.28
CA ASP A 347 2.03 13.24 14.58
C ASP A 347 1.52 12.02 13.88
N TRP A 348 0.20 11.84 13.67
CA TRP A 348 -0.28 10.62 13.03
C TRP A 348 0.03 10.55 11.56
N GLY A 349 0.53 11.62 10.97
CA GLY A 349 0.79 11.57 9.53
C GLY A 349 -0.43 11.49 8.64
N GLY A 350 -1.56 12.13 9.06
CA GLY A 350 -2.68 12.23 8.18
C GLY A 350 -2.41 13.12 6.99
N ARG A 351 -3.24 13.03 5.99
CA ARG A 351 -3.05 13.88 4.78
C ARG A 351 -3.16 15.36 5.12
N LYS A 352 -2.28 16.18 4.71
CA LYS A 352 -2.31 17.67 4.92
C LYS A 352 -2.49 18.32 3.56
N ARG A 353 -3.72 18.56 3.18
CA ARG A 353 -4.02 19.00 1.85
C ARG A 353 -3.51 20.38 1.55
N VAL A 354 -2.88 20.57 0.43
CA VAL A 354 -2.49 21.86 -0.07
C VAL A 354 -3.40 22.17 -1.24
N PHE A 355 -4.37 23.07 -1.03
CA PHE A 355 -5.33 23.42 -2.11
C PHE A 355 -4.63 24.28 -3.12
N GLU A 356 -4.80 23.95 -4.35
CA GLU A 356 -4.18 24.74 -5.37
C GLU A 356 -5.09 24.98 -6.51
N THR A 357 -4.50 25.28 -7.67
CA THR A 357 -5.29 25.62 -8.91
C THR A 357 -5.03 24.44 -9.94
FE1 SF4 B . -5.18 -12.28 -1.37
FE2 SF4 B . -7.63 -12.72 -0.37
FE3 SF4 B . -7.35 -11.54 -2.82
FE4 SF4 B . -6.56 -9.96 -0.47
S1 SF4 B . -8.75 -10.83 -1.18
S2 SF4 B . -5.42 -10.29 -2.50
S3 SF4 B . -5.81 -11.87 0.74
S4 SF4 B . -6.80 -13.71 -2.22
C1 CPS C . 12.65 2.94 19.15
C2 CPS C . 13.63 2.54 20.32
C3 CPS C . 11.69 1.45 21.64
C4 CPS C . 10.91 1.33 22.98
C5 CPS C . 11.89 0.88 24.10
C6 CPS C . 13.00 1.98 24.17
C7 CPS C . 13.76 1.61 25.44
C8 CPS C . 12.67 1.06 26.39
C9 CPS C . 11.36 0.94 25.56
C10 CPS C . 12.38 -0.50 23.81
C11 CPS C . 14.32 1.20 19.98
C12 CPS C . 12.14 4.32 19.35
C13 CPS C . 13.23 5.36 19.31
C14 CPS C . 14.16 5.05 20.48
C15 CPS C . 14.73 3.65 20.51
C16 CPS C . 15.68 3.37 21.68
C17 CPS C . 14.95 3.08 23.01
C18 CPS C . 13.81 2.08 22.88
C19 CPS C . 12.87 2.43 21.72
C20 CPS C . 10.42 -0.14 26.05
C21 CPS C . 9.13 -0.29 25.26
C22 CPS C . 10.08 0.04 27.57
C23 CPS C . 9.50 1.39 28.04
C24 CPS C . 8.20 1.78 27.42
C25 CPS C . 6.99 3.45 26.12
C26 CPS C . 7.43 4.67 25.25
C27 CPS C . 6.29 5.25 24.51
C28 CPS C . 7.33 5.65 22.32
C29 CPS C . 5.28 6.83 23.05
C30 CPS C . 7.54 7.32 24.14
C31 CPS C . 7.84 8.51 23.22
C32 CPS C . 8.97 9.32 23.91
N1 CPS C . 8.19 2.94 26.79
N2 CPS C . 6.65 6.32 23.51
O1 CPS C . 7.16 1.06 27.60
O2 CPS C . 12.75 6.70 19.56
O3 CPS C . 14.44 4.37 23.54
O4 CPS C . 10.25 2.57 23.31
O2S CPS C . 10.43 11.38 23.83
O3S CPS C . 8.51 11.25 22.30
O1S CPS C . 10.45 9.79 21.97
S CPS C . 9.64 10.51 22.94
C1 CPS D . 17.26 9.30 -5.77
C2 CPS D . 17.90 8.88 -7.11
C3 CPS D . 20.17 8.56 -5.92
C4 CPS D . 21.70 8.66 -6.01
C5 CPS D . 22.26 8.13 -7.36
C6 CPS D . 21.58 8.87 -8.50
C7 CPS D . 22.31 8.40 -9.77
C8 CPS D . 23.78 8.26 -9.27
C9 CPS D . 23.71 8.35 -7.73
C10 CPS D . 21.98 6.61 -7.46
C11 CPS D . 17.66 7.40 -7.34
C12 CPS D . 17.23 10.77 -5.50
C13 CPS D . 16.49 11.48 -6.61
C14 CPS D . 17.15 11.19 -7.96
C15 CPS D . 17.24 9.72 -8.20
C16 CPS D . 17.88 9.46 -9.60
C17 CPS D . 19.42 9.60 -9.65
C18 CPS D . 20.05 8.80 -8.52
C19 CPS D . 19.41 9.18 -7.13
C20 CPS D . 24.79 7.49 -7.04
C21 CPS D . 24.81 7.68 -5.50
C22 CPS D . 26.14 7.65 -7.69
C23 CPS D . 26.63 9.06 -7.42
C24 CPS D . 28.11 9.15 -7.76
C25 CPS D . 29.93 10.24 -8.73
C26 CPS D . 30.59 10.98 -7.53
C27 CPS D . 29.91 12.34 -7.22
C28 CPS D . 29.76 14.26 -5.83
C29 CPS D . 30.23 12.21 -4.64
C30 CPS D . 31.94 13.29 -6.17
C31 CPS D . 32.24 13.98 -7.45
C32 CPS D . 33.75 14.09 -7.64
N1 CPS D . 28.48 10.03 -8.61
N2 CPS D . 30.47 12.97 -5.96
O1 CPS D . 28.82 8.30 -7.20
O2 CPS D . 16.49 12.90 -6.35
O3 CPS D . 19.79 10.95 -9.60
O4 CPS D . 22.07 10.05 -5.82
O2S CPS D . 34.10 12.50 -9.68
O3S CPS D . 34.14 11.56 -7.61
O1S CPS D . 35.90 12.94 -8.32
S CPS D . 34.46 12.69 -8.33
C1 CPS E . 19.69 4.52 -10.01
C2 CPS E . 18.58 3.51 -9.84
C3 CPS E . 20.32 1.58 -9.64
C4 CPS E . 20.67 0.11 -9.91
C5 CPS E . 19.51 -0.82 -9.56
C6 CPS E . 18.32 -0.35 -10.39
C7 CPS E . 17.27 -1.48 -10.14
C8 CPS E . 18.13 -2.72 -10.17
C9 CPS E . 19.64 -2.28 -10.08
C10 CPS E . 19.27 -0.76 -8.04
C11 CPS E . 18.23 3.53 -8.37
C12 CPS E . 20.10 4.80 -11.48
C13 CPS E . 18.85 5.24 -12.27
C14 CPS E . 17.73 4.25 -12.13
C15 CPS E . 17.36 3.92 -10.68
C16 CPS E . 16.21 2.90 -10.64
C17 CPS E . 16.63 1.48 -10.88
C18 CPS E . 17.87 1.07 -10.10
C19 CPS E . 19.01 2.07 -10.29
C20 CPS E . 20.46 -3.29 -9.21
C21 CPS E . 21.88 -2.86 -9.04
C22 CPS E . 20.42 -4.71 -9.76
C23 CPS E . 20.73 -5.73 -8.67
C24 CPS E . 20.80 -7.20 -9.13
N1 CPS E . 19.65 -7.83 -9.07
O1 CPS E . 21.83 -7.71 -9.48
O2 CPS E . 19.28 5.48 -13.64
O3 CPS E . 16.91 1.29 -12.34
O4 CPS E . 21.06 0.05 -11.33
C1 CPS F . 23.61 4.08 -11.05
C2 CPS F . 24.47 3.07 -10.25
C3 CPS F . 26.41 4.78 -10.22
C4 CPS F . 27.95 5.05 -10.35
C5 CPS F . 28.77 4.04 -9.52
C6 CPS F . 28.36 2.65 -9.93
C7 CPS F . 29.44 1.77 -9.30
C8 CPS F . 30.72 2.60 -9.31
C9 CPS F . 30.30 3.95 -9.81
C10 CPS F . 28.56 4.36 -8.04
C11 CPS F . 24.14 3.31 -8.77
C12 CPS F . 23.66 3.84 -12.55
C13 CPS F . 23.27 2.41 -12.86
C14 CPS F . 24.17 1.44 -12.18
C15 CPS F . 24.16 1.62 -10.67
C16 CPS F . 25.04 0.57 -9.94
C17 CPS F . 26.54 0.87 -10.09
C18 CPS F . 26.89 2.33 -9.70
C19 CPS F . 26.03 3.32 -10.51
C20 CPS F . 31.23 5.07 -9.35
C21 CPS F . 30.83 6.48 -9.80
C22 CPS F . 32.69 4.74 -9.72
C23 CPS F . 33.07 4.67 -11.23
C24 CPS F . 34.62 4.55 -11.33
N1 CPS F . 35.06 3.34 -11.54
O1 CPS F . 35.33 5.45 -11.12
O2 CPS F . 23.34 2.15 -14.30
O3 CPS F . 27.05 0.60 -11.43
O4 CPS F . 28.29 5.00 -11.78
C1 CPS G . 18.72 1.27 15.49
C1 CPS G . 15.38 9.20 17.90
C2 CPS G . 18.26 1.94 16.78
C2 CPS G . 15.79 8.39 16.66
C3 CPS G . 18.25 4.15 15.64
C3 CPS G . 16.40 6.19 17.98
C4 CPS G . 18.54 5.63 15.67
C4 CPS G . 17.42 5.07 18.18
C5 CPS G . 18.12 6.31 16.99
C5 CPS G . 17.68 4.32 16.86
C6 CPS G . 18.73 5.53 18.15
C6 CPS G . 18.22 5.37 15.87
C7 CPS G . 18.28 6.39 19.31
C7 CPS G . 18.71 4.57 14.68
C8 CPS G . 18.41 7.81 18.77
C8 CPS G . 19.18 3.24 15.29
C9 CPS G . 18.56 7.71 17.22
C9 CPS G . 18.84 3.29 16.78
C10 CPS G . 16.57 6.23 17.07
C10 CPS G . 16.40 3.61 16.37
C11 CPS G . 16.69 1.81 16.88
C11 CPS G . 14.48 7.91 16.06
C12 CPS G . 20.23 1.01 15.27
C12 CPS G . 16.46 10.07 18.57
C13 CPS G . 20.77 0.24 16.46
C13 CPS G . 17.07 11.09 17.58
C14 CPS G . 20.47 1.04 17.71
C14 CPS G . 17.53 10.36 16.34
C15 CPS G . 18.93 1.23 17.97
C15 CPS G . 16.46 9.42 15.71
C16 CPS G . 18.63 1.94 19.32
C16 CPS G . 17.02 8.79 14.43
C17 CPS G . 18.91 3.42 19.38
C17 CPS G . 17.90 7.55 14.64
C18 CPS G . 18.40 4.07 18.15
C18 CPS G . 17.29 6.56 15.58
C19 CPS G . 18.79 3.37 16.83
C19 CPS G . 16.84 7.24 16.89
C20 CPS G . 17.83 8.75 16.38
C20 CPS G . 18.64 1.90 17.39
C21 CPS G . 18.01 8.74 14.89
C21 CPS G . 18.22 1.99 18.87
C22 CPS G . 18.53 10.06 16.79
C22 CPS G . 19.89 1.03 17.14
O2 CPS G . 22.19 0.06 16.42
O2 CPS G . 18.19 11.74 18.23
O3 CPS G . 20.34 3.64 19.53
O3 CPS G . 19.26 7.97 15.07
O4 CPS G . 19.95 5.84 15.51
O4 CPS G . 18.66 5.65 18.69
CL CL H . -2.01 4.46 7.11
CL CL I . 0.56 -0.29 0.63
CL CL J . 3.57 -4.93 0.08
N1 5AD K . 2.75 -9.69 -5.77
C2 5AD K . 2.79 -8.46 -5.28
N3 5AD K . 1.84 -7.85 -4.63
C4 5AD K . 0.82 -8.59 -4.23
N9 5AD K . -0.30 -8.30 -3.57
C8 5AD K . -1.05 -9.45 -3.47
N7 5AD K . -0.44 -10.51 -4.09
C5 5AD K . 0.72 -9.97 -4.60
C6 5AD K . 1.78 -10.53 -5.36
N6 5AD K . 1.75 -11.83 -5.79
C1' 5AD K . -0.66 -6.93 -3.24
C2' 5AD K . -2.09 -6.57 -3.74
C3' 5AD K . -2.83 -6.30 -2.43
C4' 5AD K . -1.65 -5.65 -1.59
C5' 5AD K . -1.76 -5.62 -0.09
O4' 5AD K . -0.58 -6.66 -1.87
O2' 5AD K . -1.92 -5.35 -4.51
O3' 5AD K . -3.82 -5.27 -2.50
N MET L . -7.35 -8.97 1.39
CA MET L . -7.27 -7.46 1.47
C MET L . -7.30 -6.95 0.05
O MET L . -7.51 -5.74 -0.16
CB MET L . -5.96 -7.08 2.12
CG MET L . -4.68 -7.02 1.23
SD MET L . -4.22 -8.60 0.53
CE MET L . -3.72 -9.45 1.99
OXT MET L . -7.09 -7.82 -0.91
N SEC M . 2.54 -3.06 0.88
CA SEC M . 2.43 -4.54 1.00
CB SEC M . 1.29 -5.13 0.23
SE SEC M . -0.43 -4.28 0.76
C SEC M . 3.66 -5.11 0.44
O SEC M . 4.32 -4.59 -0.51
OXT SEC M . 4.01 -6.18 0.98
#